data_3S0K
#
_entry.id   3S0K
#
_cell.length_a   50.659
_cell.length_b   61.646
_cell.length_c   67.214
_cell.angle_alpha   90.00
_cell.angle_beta   90.00
_cell.angle_gamma   90.00
#
_symmetry.space_group_name_H-M   'P 21 21 21'
#
loop_
_entity.id
_entity.type
_entity.pdbx_description
1 polymer 'Glycolipid transfer protein'
2 non-polymer (9Z)-N-[(2S,3R,4E)-1-(beta-D-glucopyranosyloxy)-3-hydroxyoctadec-4-en-2-yl]octadec-9-enamide
3 non-polymer 'NICKEL (II) ION'
4 water water
#
_entity_poly.entity_id   1
_entity_poly.type   'polypeptide(L)'
_entity_poly.pdbx_seq_one_letter_code
;MALLAEHLLKPLPADKQIETGPFLEAVSHLPPFFDCLGSPVFTPIKADISGNITKIKAVYDTNPAKFRTLQNILEVEKEM
YGAEWPKVGATLALMWLKRGLRFIQVFLQSICDGERDENHPNLIRVNATKAYEMALKKYHGWIVQKIFQAALYAAPYKSD
FLKALSKGQNVTEEECLEKIRLFLVNYTATIDVIYEMYTQMNAELNYKV
;
_entity_poly.pdbx_strand_id   A
#
# COMPACT_ATOMS: atom_id res chain seq x y z
N HIS A 7 1.56 0.69 16.81
CA HIS A 7 0.55 1.81 16.70
C HIS A 7 -0.28 1.82 15.41
N LEU A 8 -1.41 2.45 15.53
CA LEU A 8 -2.40 2.64 14.43
C LEU A 8 -2.03 3.88 13.63
N LEU A 9 -2.57 4.04 12.41
CA LEU A 9 -2.50 5.34 11.71
C LEU A 9 -3.35 6.35 12.45
N LYS A 10 -3.07 7.61 12.22
CA LYS A 10 -3.93 8.69 12.74
C LYS A 10 -5.33 8.53 12.19
N PRO A 11 -6.34 8.90 12.97
CA PRO A 11 -7.66 8.97 12.40
C PRO A 11 -7.75 10.05 11.35
N LEU A 12 -8.66 9.87 10.40
CA LEU A 12 -8.93 10.92 9.40
C LEU A 12 -9.61 12.11 10.07
N PRO A 13 -9.15 13.33 9.78
CA PRO A 13 -9.92 14.49 10.23
C PRO A 13 -11.22 14.64 9.43
N ALA A 14 -12.17 15.42 9.98
CA ALA A 14 -13.44 15.59 9.27
C ALA A 14 -13.30 16.12 7.86
N ASP A 15 -12.29 16.98 7.67
CA ASP A 15 -12.09 17.59 6.35
C ASP A 15 -11.19 16.79 5.46
N LYS A 16 -10.78 15.62 5.95
CA LYS A 16 -10.03 14.63 5.15
C LYS A 16 -8.63 15.06 4.69
N GLN A 17 -8.08 16.11 5.30
CA GLN A 17 -6.73 16.49 4.95
C GLN A 17 -5.71 15.66 5.70
N ILE A 18 -4.84 14.97 4.99
CA ILE A 18 -3.97 13.99 5.60
C ILE A 18 -2.57 14.56 5.83
N GLU A 19 -2.15 14.65 7.09
CA GLU A 19 -0.86 15.20 7.39
C GLU A 19 0.23 14.26 6.83
N THR A 20 1.17 14.86 6.12
CA THR A 20 2.23 14.09 5.44
C THR A 20 3.15 13.34 6.38
N GLY A 21 3.60 14.03 7.41
CA GLY A 21 4.62 13.46 8.25
C GLY A 21 4.18 12.20 8.94
N PRO A 22 3.04 12.25 9.64
CA PRO A 22 2.53 11.07 10.32
C PRO A 22 2.21 9.94 9.37
N PHE A 23 1.74 10.28 8.18
CA PHE A 23 1.42 9.25 7.19
C PHE A 23 2.65 8.50 6.77
N LEU A 24 3.68 9.26 6.46
CA LEU A 24 4.95 8.60 6.02
C LEU A 24 5.58 7.82 7.13
N GLU A 25 5.50 8.33 8.34
CA GLU A 25 6.09 7.62 9.45
C GLU A 25 5.37 6.29 9.67
N ALA A 26 4.06 6.29 9.58
CA ALA A 26 3.30 5.08 9.82
C ALA A 26 3.55 4.06 8.71
N VAL A 27 3.50 4.49 7.46
CA VAL A 27 3.65 3.50 6.39
C VAL A 27 5.06 3.02 6.26
N SER A 28 6.00 3.74 6.85
CA SER A 28 7.42 3.32 6.89
C SER A 28 7.60 2.02 7.71
N HIS A 29 6.63 1.68 8.54
CA HIS A 29 6.69 0.43 9.28
C HIS A 29 6.27 -0.77 8.46
N LEU A 30 5.79 -0.57 7.23
CA LEU A 30 5.24 -1.69 6.47
C LEU A 30 6.34 -2.47 5.71
N PRO A 31 7.27 -1.78 5.04
CA PRO A 31 8.27 -2.56 4.28
C PRO A 31 9.12 -3.60 5.05
N PRO A 32 9.47 -3.34 6.32
CA PRO A 32 10.19 -4.39 7.03
C PRO A 32 9.48 -5.74 7.07
N PHE A 33 8.16 -5.77 6.96
CA PHE A 33 7.48 -7.04 6.95
C PHE A 33 8.03 -7.95 5.82
N PHE A 34 8.36 -7.40 4.66
CA PHE A 34 8.88 -8.21 3.57
C PHE A 34 10.14 -9.01 3.85
N ASP A 35 10.95 -8.53 4.80
CA ASP A 35 12.13 -9.28 5.23
C ASP A 35 11.74 -10.64 5.85
N CYS A 36 10.50 -10.78 6.30
CA CYS A 36 9.98 -12.06 6.82
C CYS A 36 9.63 -13.05 5.73
N LEU A 37 9.49 -12.57 4.49
CA LEU A 37 9.06 -13.40 3.37
C LEU A 37 10.25 -13.65 2.47
N GLY A 38 10.68 -14.90 2.41
CA GLY A 38 11.98 -15.24 1.87
C GLY A 38 12.09 -15.23 0.37
N SER A 39 10.97 -15.33 -0.31
CA SER A 39 11.02 -15.49 -1.73
C SER A 39 11.65 -14.28 -2.46
N PRO A 40 12.44 -14.53 -3.51
CA PRO A 40 13.16 -13.39 -4.08
C PRO A 40 12.27 -12.23 -4.53
N VAL A 41 11.04 -12.49 -4.97
CA VAL A 41 10.20 -11.37 -5.41
C VAL A 41 9.91 -10.30 -4.37
N PHE A 42 9.93 -10.64 -3.09
CA PHE A 42 9.72 -9.63 -2.08
C PHE A 42 10.80 -8.58 -2.01
N THR A 43 11.97 -8.86 -2.57
CA THR A 43 13.01 -7.85 -2.60
C THR A 43 12.67 -6.66 -3.51
N PRO A 44 12.36 -6.87 -4.78
CA PRO A 44 11.91 -5.71 -5.56
C PRO A 44 10.59 -5.10 -5.11
N ILE A 45 9.75 -5.87 -4.45
CA ILE A 45 8.47 -5.33 -3.91
C ILE A 45 8.78 -4.37 -2.80
N LYS A 46 9.61 -4.80 -1.86
CA LYS A 46 10.01 -3.94 -0.77
C LYS A 46 10.70 -2.68 -1.31
N ALA A 47 11.58 -2.83 -2.30
CA ALA A 47 12.28 -1.69 -2.88
C ALA A 47 11.34 -0.69 -3.52
N ASP A 48 10.32 -1.21 -4.16
CA ASP A 48 9.33 -0.32 -4.78
C ASP A 48 8.58 0.51 -3.78
N ILE A 49 8.05 -0.15 -2.76
CA ILE A 49 7.30 0.54 -1.71
C ILE A 49 8.19 1.51 -0.96
N SER A 50 9.34 1.03 -0.49
CA SER A 50 10.24 1.89 0.25
C SER A 50 10.78 3.04 -0.61
N GLY A 51 10.97 2.81 -1.89
CA GLY A 51 11.47 3.84 -2.74
C GLY A 51 10.50 4.98 -2.90
N ASN A 52 9.23 4.61 -2.99
CA ASN A 52 8.22 5.66 -3.10
C ASN A 52 8.07 6.43 -1.81
N ILE A 53 8.09 5.74 -0.68
CA ILE A 53 8.08 6.44 0.65
C ILE A 53 9.25 7.42 0.69
N THR A 54 10.45 6.97 0.35
CA THR A 54 11.63 7.80 0.41
C THR A 54 11.48 9.05 -0.45
N LYS A 55 10.90 8.90 -1.63
CA LYS A 55 10.78 10.03 -2.52
C LYS A 55 9.77 11.03 -1.96
N ILE A 56 8.66 10.54 -1.42
CA ILE A 56 7.71 11.50 -0.88
C ILE A 56 8.31 12.23 0.34
N LYS A 57 9.07 11.48 1.15
CA LYS A 57 9.71 12.05 2.34
C LYS A 57 10.72 13.09 1.92
N ALA A 58 11.44 12.80 0.84
CA ALA A 58 12.46 13.75 0.38
C ALA A 58 11.84 15.08 -0.02
N VAL A 59 10.68 15.01 -0.68
CA VAL A 59 9.96 16.22 -1.08
C VAL A 59 9.41 16.95 0.16
N TYR A 60 8.77 16.21 1.04
CA TYR A 60 8.22 16.77 2.28
C TYR A 60 9.31 17.52 3.07
N ASP A 61 10.47 16.88 3.20
CA ASP A 61 11.55 17.42 4.03
C ASP A 61 12.08 18.74 3.48
N THR A 62 11.91 19.02 2.17
CA THR A 62 12.38 20.31 1.64
C THR A 62 11.60 21.51 2.19
N ASN A 63 10.36 21.28 2.68
CA ASN A 63 9.54 22.38 3.23
C ASN A 63 8.31 21.79 3.96
N PRO A 64 8.55 21.23 5.15
CA PRO A 64 7.45 20.55 5.85
C PRO A 64 6.24 21.42 6.04
N ALA A 65 6.41 22.71 6.26
CA ALA A 65 5.25 23.59 6.42
C ALA A 65 4.42 23.70 5.13
N LYS A 66 5.12 23.83 4.01
CA LYS A 66 4.42 23.97 2.73
C LYS A 66 3.80 22.67 2.28
N PHE A 67 4.45 21.58 2.65
CA PHE A 67 4.00 20.22 2.29
C PHE A 67 3.36 19.49 3.46
N ARG A 68 2.66 20.21 4.32
CA ARG A 68 2.14 19.69 5.54
C ARG A 68 1.14 18.58 5.32
N THR A 69 0.35 18.66 4.26
CA THR A 69 -0.59 17.58 3.92
C THR A 69 -0.31 17.00 2.55
N LEU A 70 -0.84 15.81 2.33
CA LEU A 70 -0.66 15.18 1.03
C LEU A 70 -1.32 16.00 -0.08
N GLN A 71 -2.46 16.61 0.19
CA GLN A 71 -3.09 17.52 -0.72
C GLN A 71 -2.19 18.70 -1.08
N ASN A 72 -1.48 19.22 -0.09
CA ASN A 72 -0.47 20.25 -0.34
C ASN A 72 0.58 19.78 -1.30
N ILE A 73 1.04 18.58 -1.14
CA ILE A 73 2.08 18.04 -2.03
C ILE A 73 1.62 18.07 -3.46
N LEU A 74 0.44 17.56 -3.72
CA LEU A 74 -0.02 17.47 -5.12
C LEU A 74 -0.22 18.86 -5.69
N GLU A 75 -0.84 19.71 -4.90
CA GLU A 75 -1.21 21.02 -5.36
C GLU A 75 0.00 21.90 -5.63
N VAL A 76 0.98 21.81 -4.73
CA VAL A 76 2.20 22.57 -4.88
C VAL A 76 3.03 22.01 -6.07
N GLU A 77 3.15 20.68 -6.15
CA GLU A 77 3.87 20.12 -7.28
C GLU A 77 3.23 20.49 -8.60
N LYS A 78 1.89 20.54 -8.63
CA LYS A 78 1.23 20.95 -9.86
C LYS A 78 1.67 22.34 -10.31
N GLU A 79 1.82 23.24 -9.36
CA GLU A 79 2.30 24.59 -9.63
C GLU A 79 3.77 24.62 -10.04
N MET A 80 4.59 23.77 -9.42
CA MET A 80 6.04 23.71 -9.65
C MET A 80 6.39 23.18 -11.02
N TYR A 81 5.68 22.15 -11.48
CA TYR A 81 6.13 21.36 -12.63
C TYR A 81 5.33 21.51 -13.91
N GLY A 82 4.23 22.26 -13.87
CA GLY A 82 3.44 22.53 -15.09
C GLY A 82 3.09 21.29 -15.86
N ALA A 83 3.41 21.24 -17.14
CA ALA A 83 2.92 20.16 -17.99
C ALA A 83 3.52 18.79 -17.68
N GLU A 84 4.59 18.74 -16.89
CA GLU A 84 5.13 17.45 -16.51
C GLU A 84 4.23 16.80 -15.43
N TRP A 85 3.53 17.59 -14.63
CA TRP A 85 2.66 17.04 -13.60
C TRP A 85 1.43 16.40 -14.25
N PRO A 86 0.94 15.26 -13.73
CA PRO A 86 1.31 14.61 -12.48
C PRO A 86 2.39 13.56 -12.57
N LYS A 87 3.03 13.38 -13.71
CA LYS A 87 4.01 12.30 -13.85
C LYS A 87 5.36 12.80 -13.38
N VAL A 88 5.42 13.21 -12.11
CA VAL A 88 6.58 13.87 -11.56
C VAL A 88 6.60 13.74 -10.07
N GLY A 89 7.80 13.74 -9.50
CA GLY A 89 7.97 14.03 -8.07
C GLY A 89 7.25 13.11 -7.11
N ALA A 90 6.88 13.67 -5.96
CA ALA A 90 6.15 12.95 -4.95
C ALA A 90 4.77 12.58 -5.43
N THR A 91 4.20 13.37 -6.36
CA THR A 91 2.89 13.02 -6.89
C THR A 91 2.93 11.64 -7.58
N LEU A 92 3.96 11.43 -8.40
CA LEU A 92 4.09 10.13 -9.06
C LEU A 92 4.41 9.02 -8.07
N ALA A 93 5.30 9.31 -7.12
CA ALA A 93 5.67 8.33 -6.12
C ALA A 93 4.43 7.88 -5.34
N LEU A 94 3.64 8.85 -4.91
CA LEU A 94 2.41 8.55 -4.13
C LEU A 94 1.34 7.86 -5.00
N MET A 95 1.32 8.16 -6.30
CA MET A 95 0.38 7.49 -7.21
C MET A 95 0.62 5.99 -7.19
N TRP A 96 1.91 5.61 -7.18
CA TRP A 96 2.22 4.20 -7.12
C TRP A 96 2.18 3.62 -5.69
N LEU A 97 2.58 4.41 -4.71
CA LEU A 97 2.50 3.96 -3.31
C LEU A 97 1.06 3.61 -2.97
N LYS A 98 0.10 4.47 -3.35
CA LYS A 98 -1.27 4.21 -2.96
C LYS A 98 -1.76 2.87 -3.51
N ARG A 99 -1.22 2.50 -4.69
CA ARG A 99 -1.63 1.26 -5.29
C ARG A 99 -1.08 0.08 -4.49
N GLY A 100 0.18 0.16 -4.08
CA GLY A 100 0.74 -0.88 -3.22
C GLY A 100 0.00 -0.94 -1.88
N LEU A 101 -0.31 0.23 -1.33
CA LEU A 101 -1.02 0.23 -0.05
C LEU A 101 -2.43 -0.33 -0.16
N ARG A 102 -3.12 -0.04 -1.26
CA ARG A 102 -4.46 -0.63 -1.51
C ARG A 102 -4.38 -2.13 -1.72
N PHE A 103 -3.32 -2.60 -2.41
CA PHE A 103 -3.18 -4.03 -2.52
C PHE A 103 -3.13 -4.65 -1.11
N ILE A 104 -2.29 -4.07 -0.25
CA ILE A 104 -2.17 -4.62 1.10
C ILE A 104 -3.52 -4.57 1.83
N GLN A 105 -4.24 -3.46 1.66
CA GLN A 105 -5.51 -3.29 2.32
C GLN A 105 -6.47 -4.40 1.91
N VAL A 106 -6.61 -4.55 0.61
CA VAL A 106 -7.59 -5.51 0.10
C VAL A 106 -7.21 -6.94 0.48
N PHE A 107 -5.91 -7.23 0.39
CA PHE A 107 -5.41 -8.56 0.68
C PHE A 107 -5.69 -8.91 2.12
N LEU A 108 -5.31 -8.02 3.04
CA LEU A 108 -5.50 -8.29 4.46
C LEU A 108 -6.95 -8.32 4.84
N GLN A 109 -7.74 -7.40 4.26
CA GLN A 109 -9.17 -7.39 4.56
C GLN A 109 -9.84 -8.70 4.17
N SER A 110 -9.46 -9.19 3.00
CA SER A 110 -10.00 -10.43 2.45
C SER A 110 -9.71 -11.61 3.37
N ILE A 111 -8.49 -11.67 3.84
CA ILE A 111 -8.11 -12.72 4.78
C ILE A 111 -8.88 -12.59 6.06
N CYS A 112 -8.94 -11.38 6.63
CA CYS A 112 -9.64 -11.18 7.89
C CYS A 112 -11.11 -11.52 7.76
N ASP A 113 -11.71 -11.30 6.59
CA ASP A 113 -13.14 -11.61 6.40
C ASP A 113 -13.43 -13.08 6.10
N GLY A 114 -12.38 -13.89 6.09
CA GLY A 114 -12.56 -15.34 5.93
C GLY A 114 -12.78 -15.78 4.50
N GLU A 115 -12.46 -14.94 3.53
CA GLU A 115 -12.61 -15.28 2.14
C GLU A 115 -11.59 -16.35 1.82
N ARG A 116 -11.99 -17.41 1.13
CA ARG A 116 -11.06 -18.50 0.83
C ARG A 116 -11.66 -19.37 -0.27
N ASP A 117 -10.78 -20.21 -0.80
CA ASP A 117 -11.15 -21.25 -1.75
C ASP A 117 -11.47 -22.47 -0.86
N GLU A 118 -12.71 -22.98 -0.91
CA GLU A 118 -13.05 -24.09 0.02
C GLU A 118 -12.22 -25.34 -0.26
N ASN A 119 -11.74 -25.49 -1.49
CA ASN A 119 -10.88 -26.61 -1.85
C ASN A 119 -9.40 -26.40 -1.55
N HIS A 120 -9.02 -25.16 -1.24
CA HIS A 120 -7.68 -24.85 -0.76
C HIS A 120 -7.78 -23.77 0.30
N PRO A 121 -8.40 -24.11 1.45
CA PRO A 121 -8.63 -23.12 2.49
C PRO A 121 -7.39 -22.56 3.18
N ASN A 122 -6.24 -23.21 3.05
CA ASN A 122 -5.03 -22.69 3.71
C ASN A 122 -4.01 -22.13 2.73
N LEU A 123 -4.43 -21.86 1.51
CA LEU A 123 -3.65 -21.01 0.62
C LEU A 123 -4.17 -19.57 0.77
N ILE A 124 -3.42 -18.64 0.23
CA ILE A 124 -3.85 -17.24 0.14
C ILE A 124 -3.90 -16.75 -1.30
N ARG A 125 -4.02 -17.67 -2.24
CA ARG A 125 -4.08 -17.28 -3.64
C ARG A 125 -5.29 -16.46 -3.98
N VAL A 126 -6.46 -16.86 -3.47
CA VAL A 126 -7.68 -16.14 -3.83
C VAL A 126 -7.59 -14.73 -3.28
N ASN A 127 -7.00 -14.58 -2.09
CA ASN A 127 -6.97 -13.28 -1.44
C ASN A 127 -5.99 -12.35 -2.18
N ALA A 128 -4.86 -12.90 -2.58
CA ALA A 128 -3.85 -12.13 -3.33
C ALA A 128 -4.37 -11.78 -4.72
N THR A 129 -5.10 -12.71 -5.34
CA THR A 129 -5.67 -12.43 -6.68
C THR A 129 -6.71 -11.30 -6.63
N LYS A 130 -7.60 -11.32 -5.63
CA LYS A 130 -8.56 -10.25 -5.45
C LYS A 130 -7.84 -8.92 -5.31
N ALA A 131 -6.85 -8.87 -4.43
CA ALA A 131 -6.12 -7.63 -4.17
C ALA A 131 -5.39 -7.14 -5.43
N TYR A 132 -4.82 -8.07 -6.15
CA TYR A 132 -4.11 -7.73 -7.40
C TYR A 132 -5.09 -7.14 -8.42
N GLU A 133 -6.21 -7.79 -8.61
CA GLU A 133 -7.16 -7.33 -9.59
C GLU A 133 -7.69 -5.96 -9.22
N MET A 134 -7.96 -5.75 -7.92
CA MET A 134 -8.51 -4.47 -7.50
C MET A 134 -7.52 -3.33 -7.54
N ALA A 135 -6.23 -3.60 -7.24
CA ALA A 135 -5.27 -2.53 -7.03
C ALA A 135 -4.21 -2.30 -8.12
N LEU A 136 -3.71 -3.37 -8.74
CA LEU A 136 -2.49 -3.28 -9.53
C LEU A 136 -2.67 -3.75 -10.98
N LYS A 137 -3.48 -4.76 -11.23
CA LYS A 137 -3.47 -5.43 -12.54
C LYS A 137 -3.67 -4.49 -13.73
N LYS A 138 -4.52 -3.50 -13.58
CA LYS A 138 -4.81 -2.55 -14.68
C LYS A 138 -3.59 -1.77 -15.10
N TYR A 139 -2.57 -1.73 -14.25
CA TYR A 139 -1.39 -0.92 -14.52
C TYR A 139 -0.17 -1.71 -14.85
N HIS A 140 -0.36 -3.03 -15.06
CA HIS A 140 0.75 -3.92 -15.31
C HIS A 140 0.68 -4.56 -16.68
N GLY A 141 1.75 -4.39 -17.45
CA GLY A 141 1.88 -5.15 -18.67
C GLY A 141 2.18 -6.60 -18.40
N TRP A 142 2.39 -7.36 -19.45
CA TRP A 142 2.44 -8.83 -19.27
C TRP A 142 3.68 -9.23 -18.49
N ILE A 143 4.80 -8.56 -18.76
CA ILE A 143 6.04 -8.92 -18.08
C ILE A 143 5.91 -8.73 -16.56
N VAL A 144 5.29 -7.65 -16.12
CA VAL A 144 5.11 -7.48 -14.66
C VAL A 144 4.05 -8.43 -14.14
N GLN A 145 3.00 -8.70 -14.93
CA GLN A 145 2.02 -9.67 -14.50
C GLN A 145 2.66 -11.03 -14.24
N LYS A 146 3.68 -11.38 -15.02
CA LYS A 146 4.36 -12.66 -14.79
C LYS A 146 4.98 -12.67 -13.40
N ILE A 147 5.43 -11.53 -12.92
CA ILE A 147 6.00 -11.46 -11.58
C ILE A 147 4.94 -11.84 -10.55
N PHE A 148 3.74 -11.30 -10.72
CA PHE A 148 2.63 -11.63 -9.82
C PHE A 148 2.32 -13.11 -9.89
N GLN A 149 2.26 -13.64 -11.10
CA GLN A 149 1.91 -15.06 -11.23
C GLN A 149 2.91 -15.97 -10.54
N ALA A 150 4.17 -15.60 -10.63
CA ALA A 150 5.20 -16.44 -10.02
C ALA A 150 5.10 -16.28 -8.50
N ALA A 151 4.89 -15.05 -7.99
CA ALA A 151 4.64 -14.82 -6.54
C ALA A 151 3.48 -15.63 -6.01
N LEU A 152 2.39 -15.71 -6.78
CA LEU A 152 1.23 -16.57 -6.39
C LEU A 152 1.60 -18.04 -6.23
N TYR A 153 2.39 -18.55 -7.16
CA TYR A 153 2.75 -19.94 -7.12
C TYR A 153 3.50 -20.27 -5.87
N ALA A 154 4.40 -19.37 -5.49
CA ALA A 154 5.32 -19.62 -4.40
C ALA A 154 4.77 -19.08 -3.08
N ALA A 155 3.56 -18.53 -3.08
CA ALA A 155 3.03 -17.79 -1.90
C ALA A 155 3.00 -18.73 -0.70
N PRO A 156 3.27 -18.20 0.49
CA PRO A 156 3.20 -19.05 1.68
C PRO A 156 1.77 -19.51 1.94
N TYR A 157 1.66 -20.61 2.65
CA TYR A 157 0.39 -21.05 3.17
C TYR A 157 -0.15 -19.96 4.12
N LYS A 158 -1.48 -19.89 4.27
CA LYS A 158 -2.11 -18.82 5.10
C LYS A 158 -1.58 -18.82 6.54
N SER A 159 -1.53 -20.01 7.15
CA SER A 159 -1.04 -20.10 8.53
C SER A 159 0.38 -19.62 8.69
N ASP A 160 1.26 -19.97 7.73
CA ASP A 160 2.64 -19.50 7.77
C ASP A 160 2.73 -18.02 7.62
N PHE A 161 1.92 -17.46 6.71
CA PHE A 161 1.91 -16.03 6.48
C PHE A 161 1.48 -15.30 7.73
N LEU A 162 0.44 -15.80 8.37
CA LEU A 162 -0.03 -15.12 9.57
C LEU A 162 0.96 -15.25 10.74
N LYS A 163 1.70 -16.35 10.79
CA LYS A 163 2.74 -16.45 11.84
C LYS A 163 3.79 -15.37 11.64
N ALA A 164 4.22 -15.14 10.39
CA ALA A 164 5.16 -14.06 10.05
C ALA A 164 4.67 -12.63 10.41
N LEU A 165 3.42 -12.32 10.08
CA LEU A 165 2.84 -11.03 10.49
C LEU A 165 2.95 -10.78 12.00
N SER A 166 2.96 -11.84 12.80
CA SER A 166 2.91 -11.68 14.24
C SER A 166 4.19 -12.14 14.96
N LYS A 167 5.27 -12.36 14.23
CA LYS A 167 6.57 -12.63 14.84
C LYS A 167 6.84 -11.58 15.90
N GLY A 168 7.22 -12.03 17.10
CA GLY A 168 7.55 -11.12 18.20
C GLY A 168 6.43 -10.95 19.22
N GLN A 169 5.22 -11.33 18.84
CA GLN A 169 4.07 -11.08 19.69
C GLN A 169 3.56 -12.27 20.48
N ASN A 170 3.79 -13.47 19.97
CA ASN A 170 3.32 -14.66 20.64
C ASN A 170 1.80 -14.66 20.83
N VAL A 171 1.11 -14.21 19.79
CA VAL A 171 -0.33 -14.14 19.79
C VAL A 171 -0.86 -15.31 19.00
N THR A 172 -2.12 -15.66 19.22
CA THR A 172 -2.76 -16.72 18.43
C THR A 172 -3.10 -16.16 17.04
N GLU A 173 -3.40 -17.03 16.12
CA GLU A 173 -3.82 -16.58 14.81
C GLU A 173 -5.03 -15.65 14.93
N GLU A 174 -5.97 -16.01 15.77
CA GLU A 174 -7.18 -15.21 15.89
C GLU A 174 -6.84 -13.82 16.47
N GLU A 175 -5.93 -13.77 17.43
CA GLU A 175 -5.49 -12.49 17.99
C GLU A 175 -4.77 -11.66 16.94
N CYS A 176 -4.01 -12.31 16.08
CA CYS A 176 -3.30 -11.61 15.00
C CYS A 176 -4.32 -10.99 14.06
N LEU A 177 -5.32 -11.76 13.65
CA LEU A 177 -6.37 -11.20 12.77
C LEU A 177 -7.11 -10.03 13.43
N GLU A 178 -7.39 -10.11 14.74
CA GLU A 178 -8.05 -8.97 15.40
C GLU A 178 -7.19 -7.73 15.36
N LYS A 179 -5.87 -7.85 15.53
CA LYS A 179 -5.02 -6.66 15.45
C LYS A 179 -5.02 -6.09 14.03
N ILE A 180 -5.01 -6.96 13.03
CA ILE A 180 -5.08 -6.49 11.64
C ILE A 180 -6.37 -5.79 11.36
N ARG A 181 -7.49 -6.32 11.86
CA ARG A 181 -8.75 -5.63 11.65
C ARG A 181 -8.73 -4.21 12.23
N LEU A 182 -8.13 -4.01 13.40
CA LEU A 182 -8.10 -2.67 13.96
C LEU A 182 -7.20 -1.76 13.12
N PHE A 183 -6.02 -2.24 12.73
CA PHE A 183 -5.12 -1.50 11.86
C PHE A 183 -5.82 -1.04 10.58
N LEU A 184 -6.64 -1.92 10.04
CA LEU A 184 -7.31 -1.66 8.77
C LEU A 184 -8.30 -0.50 8.82
N VAL A 185 -8.75 -0.11 10.01
CA VAL A 185 -9.78 0.90 10.07
C VAL A 185 -9.26 2.26 9.52
N ASN A 186 -8.29 2.86 10.19
CA ASN A 186 -7.77 4.13 9.72
C ASN A 186 -6.96 4.01 8.43
N TYR A 187 -6.35 2.85 8.26
CA TYR A 187 -5.57 2.61 7.06
C TYR A 187 -6.45 2.64 5.82
N THR A 188 -7.54 1.90 5.84
CA THR A 188 -8.49 1.89 4.71
C THR A 188 -9.05 3.27 4.47
N ALA A 189 -9.46 3.96 5.53
CA ALA A 189 -10.06 5.25 5.34
C ALA A 189 -9.10 6.24 4.70
N THR A 190 -7.84 6.17 5.13
CA THR A 190 -6.82 7.06 4.59
C THR A 190 -6.52 6.78 3.13
N ILE A 191 -6.34 5.50 2.80
CA ILE A 191 -6.11 5.18 1.37
C ILE A 191 -7.25 5.64 0.51
N ASP A 192 -8.48 5.41 0.97
CA ASP A 192 -9.64 5.85 0.18
C ASP A 192 -9.60 7.36 -0.11
N VAL A 193 -9.18 8.16 0.86
CA VAL A 193 -9.06 9.60 0.65
C VAL A 193 -7.99 9.91 -0.39
N ILE A 194 -6.86 9.22 -0.30
CA ILE A 194 -5.77 9.46 -1.26
C ILE A 194 -6.30 9.16 -2.66
N TYR A 195 -7.03 8.06 -2.82
CA TYR A 195 -7.58 7.78 -4.16
C TYR A 195 -8.48 8.91 -4.63
N GLU A 196 -9.36 9.34 -3.73
CA GLU A 196 -10.30 10.42 -4.07
C GLU A 196 -9.57 11.66 -4.50
N MET A 197 -8.49 11.98 -3.81
CA MET A 197 -7.69 13.16 -4.16
C MET A 197 -7.16 13.05 -5.57
N TYR A 198 -6.59 11.89 -5.95
CA TYR A 198 -6.06 11.75 -7.29
C TYR A 198 -7.18 11.89 -8.32
N THR A 199 -8.34 11.34 -8.04
CA THR A 199 -9.45 11.40 -9.00
C THR A 199 -9.91 12.86 -9.13
N GLN A 200 -10.09 13.55 -8.01
CA GLN A 200 -10.59 14.96 -8.00
C GLN A 200 -9.66 15.87 -8.81
N MET A 201 -8.38 15.59 -8.76
CA MET A 201 -7.37 16.42 -9.43
C MET A 201 -7.04 15.93 -10.80
N ASN A 202 -7.76 14.92 -11.25
CA ASN A 202 -7.47 14.34 -12.55
C ASN A 202 -5.98 13.97 -12.63
N ALA A 203 -5.43 13.43 -11.53
CA ALA A 203 -3.99 13.08 -11.41
C ALA A 203 -3.75 11.58 -11.52
N GLU A 204 -4.81 10.78 -11.60
CA GLU A 204 -4.68 9.33 -11.76
C GLU A 204 -4.21 9.17 -13.19
N LEU A 205 -3.14 8.45 -13.39
CA LEU A 205 -2.67 8.09 -14.72
C LEU A 205 -3.01 6.63 -14.96
N ASN A 206 -3.24 6.26 -16.21
CA ASN A 206 -3.62 4.88 -16.53
C ASN A 206 -2.61 4.06 -17.32
N TYR A 207 -1.37 4.49 -17.33
CA TYR A 207 -0.36 3.80 -18.10
C TYR A 207 0.04 2.48 -17.46
N LYS A 208 0.44 1.55 -18.30
CA LYS A 208 0.99 0.25 -17.88
C LYS A 208 2.52 0.27 -17.88
N VAL A 209 3.11 -0.47 -16.94
CA VAL A 209 4.52 -0.65 -16.82
C VAL A 209 4.92 -2.05 -17.26
#